data_9CZT
#
_entry.id   9CZT
#
_cell.length_a   52.450
_cell.length_b   58.030
_cell.length_c   61.970
_cell.angle_alpha   86.61
_cell.angle_beta   86.34
_cell.angle_gamma   67.23
#
_symmetry.space_group_name_H-M   'P 1'
#
loop_
_entity.id
_entity.type
_entity.pdbx_description
1 polymer 'Mitogen-activated protein kinase kinase kinase kinase 1'
2 non-polymer 4-(aminomethyl)-2-{6-[4-(propan-2-yl)-4H-1,2,4-triazol-3-yl]pyridin-2-yl}-2,3-dihydro-1H-isoindol-1-one
3 water water
#
_entity_poly.entity_id   1
_entity_poly.type   'polypeptide(L)'
_entity_poly.pdbx_seq_one_letter_code
;GSMDVVDPDIFNRDPRDHYDLLQRLGGGTYGEVFKARDKVSGDLVALKMVKMEPDDDVSTLQKEILILKTCRHANIVAYH
GSYLWLQKLWICMEFCGAGSLQDIYQVTGSLSELQISYVCREVLQGLAYLHSQKKIHRDIKGANILINDAGEVRLADFGI
SAQIGAELARRLEFIGTPYWMAPEVAAVALKGGYNELCDIWSLGITAIELAELQPPLFDVHPLRVLFLMTKSGYQPPRLK
EKGKWSAAFHNFIKVTLTKSPKKRPSATKMLSHQLVSQPGLNRGLILDLLDKLKNPGKGPSIGDIEDEE
;
_entity_poly.pdbx_strand_id   A,B
#
# COMPACT_ATOMS: atom_id res chain seq x y z
N ASP A 7 12.53 39.29 12.16
CA ASP A 7 13.68 38.54 12.70
C ASP A 7 14.78 39.49 13.25
N PRO A 8 15.23 39.33 14.52
CA PRO A 8 16.28 40.24 15.05
C PRO A 8 17.66 40.10 14.41
N ASP A 9 17.92 38.99 13.71
CA ASP A 9 19.21 38.70 13.10
C ASP A 9 19.27 38.97 11.60
N ILE A 10 18.19 39.53 11.05
CA ILE A 10 18.06 39.83 9.62
C ILE A 10 19.22 40.66 9.08
N PHE A 11 19.71 40.27 7.90
CA PHE A 11 20.78 40.99 7.20
C PHE A 11 20.07 42.02 6.33
N ASN A 12 20.25 43.35 6.62
CA ASN A 12 19.57 44.40 5.86
C ASN A 12 20.41 44.78 4.64
N ARG A 13 20.62 43.81 3.75
CA ARG A 13 21.41 43.94 2.51
C ARG A 13 20.94 42.93 1.48
N ASP A 14 21.27 43.12 0.19
CA ASP A 14 20.87 42.18 -0.85
C ASP A 14 21.77 40.97 -0.90
N PRO A 15 21.18 39.75 -0.86
CA PRO A 15 22.00 38.54 -0.87
C PRO A 15 22.82 38.34 -2.14
N ARG A 16 22.42 38.98 -3.23
CA ARG A 16 23.12 38.88 -4.50
C ARG A 16 24.54 39.52 -4.45
N ASP A 17 24.84 40.32 -3.39
CA ASP A 17 26.17 40.91 -3.19
C ASP A 17 27.14 39.85 -2.68
N HIS A 18 26.61 38.78 -2.04
CA HIS A 18 27.41 37.69 -1.50
C HIS A 18 27.20 36.36 -2.24
N TYR A 19 26.09 36.22 -2.99
CA TYR A 19 25.78 34.98 -3.71
C TYR A 19 25.46 35.15 -5.17
N ASP A 20 25.90 34.17 -5.99
CA ASP A 20 25.56 34.09 -7.40
C ASP A 20 24.36 33.13 -7.52
N LEU A 21 23.20 33.58 -8.07
CA LEU A 21 22.03 32.72 -8.27
C LEU A 21 22.31 31.82 -9.49
N LEU A 22 22.33 30.49 -9.29
CA LEU A 22 22.67 29.51 -10.34
C LEU A 22 21.46 28.92 -11.10
N GLN A 23 20.35 28.59 -10.42
CA GLN A 23 19.12 28.03 -11.04
C GLN A 23 17.91 28.08 -10.12
N ARG A 24 16.72 28.03 -10.71
CA ARG A 24 15.45 28.02 -10.01
C ARG A 24 15.18 26.56 -9.57
N LEU A 25 14.77 26.36 -8.31
CA LEU A 25 14.51 25.03 -7.75
C LEU A 25 13.01 24.78 -7.47
N GLY A 26 12.18 25.63 -8.04
CA GLY A 26 10.74 25.57 -7.88
C GLY A 26 10.32 26.35 -6.66
N GLY A 27 9.08 26.17 -6.27
CA GLY A 27 8.57 26.88 -5.11
C GLY A 27 8.24 25.96 -3.97
N GLY A 28 7.99 26.55 -2.81
CA GLY A 28 7.53 25.81 -1.65
C GLY A 28 6.04 25.98 -1.51
N THR A 29 5.55 26.00 -0.26
CA THR A 29 4.15 26.29 0.05
C THR A 29 3.96 27.76 -0.42
N TYR A 30 5.01 28.59 -0.25
CA TYR A 30 5.06 29.95 -0.76
C TYR A 30 6.51 30.23 -1.16
N GLY A 31 6.75 31.35 -1.84
CA GLY A 31 8.10 31.71 -2.25
C GLY A 31 8.66 30.91 -3.40
N GLU A 32 9.85 31.29 -3.85
CA GLU A 32 10.60 30.67 -4.92
C GLU A 32 12.00 30.35 -4.41
N VAL A 33 12.45 29.10 -4.59
CA VAL A 33 13.75 28.64 -4.11
C VAL A 33 14.77 28.65 -5.24
N PHE A 34 15.99 29.12 -4.94
CA PHE A 34 17.09 29.20 -5.89
C PHE A 34 18.30 28.54 -5.33
N LYS A 35 19.10 27.95 -6.21
CA LYS A 35 20.39 27.40 -5.92
C LYS A 35 21.35 28.59 -6.03
N ALA A 36 22.18 28.83 -5.01
CA ALA A 36 23.13 29.94 -5.04
C ALA A 36 24.50 29.53 -4.58
N ARG A 37 25.56 30.22 -5.06
CA ARG A 37 26.94 29.91 -4.70
C ARG A 37 27.58 31.11 -4.01
N ASP A 38 28.27 30.86 -2.88
CA ASP A 38 29.00 31.87 -2.09
C ASP A 38 30.13 32.39 -2.98
N LYS A 39 30.05 33.69 -3.37
CA LYS A 39 31.01 34.37 -4.27
C LYS A 39 32.47 34.27 -3.86
N VAL A 40 32.74 34.01 -2.57
CA VAL A 40 34.12 33.93 -2.09
C VAL A 40 34.54 32.49 -1.75
N SER A 41 33.73 31.74 -0.96
CA SER A 41 34.05 30.37 -0.53
C SER A 41 33.70 29.27 -1.54
N GLY A 42 32.73 29.56 -2.42
CA GLY A 42 32.26 28.61 -3.42
C GLY A 42 31.22 27.64 -2.87
N ASP A 43 30.82 27.83 -1.59
CA ASP A 43 29.82 26.97 -0.92
C ASP A 43 28.43 27.17 -1.52
N LEU A 44 27.70 26.07 -1.74
CA LEU A 44 26.36 26.14 -2.29
C LEU A 44 25.33 26.30 -1.17
N VAL A 45 24.29 27.06 -1.43
CA VAL A 45 23.17 27.29 -0.51
C VAL A 45 21.87 27.30 -1.29
N ALA A 46 20.75 27.20 -0.59
CA ALA A 46 19.45 27.37 -1.17
C ALA A 46 18.94 28.69 -0.61
N LEU A 47 18.43 29.55 -1.48
CA LEU A 47 17.84 30.85 -1.10
C LEU A 47 16.37 30.85 -1.46
N LYS A 48 15.49 31.01 -0.45
CA LYS A 48 14.05 31.08 -0.65
C LYS A 48 13.62 32.53 -0.60
N MET A 49 13.09 33.03 -1.72
CA MET A 49 12.68 34.41 -1.88
C MET A 49 11.18 34.59 -1.76
N VAL A 50 10.75 35.49 -0.86
CA VAL A 50 9.35 35.79 -0.59
C VAL A 50 9.16 37.32 -0.66
N LYS A 51 8.17 37.79 -1.45
CA LYS A 51 7.87 39.22 -1.57
C LYS A 51 7.27 39.72 -0.26
N MET A 52 7.81 40.83 0.26
CA MET A 52 7.42 41.43 1.54
C MET A 52 6.99 42.89 1.38
N GLU A 53 5.67 43.14 1.32
CA GLU A 53 5.13 44.50 1.19
C GLU A 53 5.03 45.19 2.56
N PRO A 54 5.09 46.55 2.66
CA PRO A 54 4.99 47.19 3.99
C PRO A 54 3.66 46.92 4.71
N ASP A 55 2.55 46.80 3.96
CA ASP A 55 1.22 46.52 4.51
C ASP A 55 1.01 45.03 4.83
N ASP A 56 1.86 44.14 4.26
CA ASP A 56 1.79 42.69 4.44
C ASP A 56 2.16 42.24 5.86
N ASP A 57 1.42 41.23 6.38
CA ASP A 57 1.64 40.64 7.71
C ASP A 57 2.97 39.88 7.71
N VAL A 58 3.83 40.14 8.72
CA VAL A 58 5.15 39.51 8.83
C VAL A 58 5.09 38.17 9.59
N SER A 59 3.99 37.95 10.33
CA SER A 59 3.71 36.82 11.23
C SER A 59 4.13 35.45 10.69
N THR A 60 3.71 35.10 9.46
CA THR A 60 4.05 33.78 8.90
C THR A 60 5.56 33.61 8.66
N LEU A 61 6.21 34.61 8.02
CA LEU A 61 7.66 34.56 7.75
C LEU A 61 8.47 34.61 9.05
N GLN A 62 7.99 35.41 10.01
CA GLN A 62 8.65 35.48 11.32
C GLN A 62 8.67 34.10 11.95
N LYS A 63 7.50 33.39 11.91
CA LYS A 63 7.33 32.04 12.45
C LYS A 63 8.21 31.02 11.70
N GLU A 64 8.26 31.11 10.35
CA GLU A 64 9.10 30.18 9.58
C GLU A 64 10.57 30.31 9.96
N ILE A 65 11.08 31.55 10.02
CA ILE A 65 12.48 31.82 10.39
C ILE A 65 12.77 31.36 11.81
N LEU A 66 11.82 31.57 12.75
CA LEU A 66 12.03 31.14 14.14
C LEU A 66 12.15 29.63 14.26
N ILE A 67 11.29 28.89 13.53
CA ILE A 67 11.30 27.42 13.50
C ILE A 67 12.67 26.95 12.98
N LEU A 68 13.09 27.49 11.82
CA LEU A 68 14.37 27.12 11.20
C LEU A 68 15.59 27.42 12.05
N LYS A 69 15.63 28.62 12.62
CA LYS A 69 16.75 29.14 13.41
C LYS A 69 16.95 28.37 14.68
N THR A 70 15.85 27.91 15.31
CA THR A 70 15.92 27.19 16.58
C THR A 70 16.10 25.65 16.41
N CYS A 71 16.12 25.12 15.16
CA CYS A 71 16.42 23.71 14.95
C CYS A 71 17.94 23.51 14.84
N ARG A 72 18.47 22.55 15.57
CA ARG A 72 19.89 22.17 15.53
C ARG A 72 19.93 20.66 15.50
N HIS A 73 19.52 20.09 14.35
CA HIS A 73 19.45 18.64 14.20
C HIS A 73 19.82 18.27 12.79
N ALA A 74 20.59 17.20 12.67
CA ALA A 74 21.08 16.68 11.41
C ALA A 74 19.97 16.38 10.39
N ASN A 75 18.74 16.04 10.83
CA ASN A 75 17.66 15.68 9.90
C ASN A 75 16.68 16.83 9.58
N ILE A 76 17.06 18.04 9.93
CA ILE A 76 16.29 19.26 9.60
C ILE A 76 17.21 20.19 8.78
N VAL A 77 16.74 20.68 7.62
CA VAL A 77 17.55 21.56 6.74
C VAL A 77 18.24 22.66 7.58
N ALA A 78 19.57 22.83 7.46
CA ALA A 78 20.28 23.86 8.23
C ALA A 78 19.89 25.26 7.75
N TYR A 79 19.91 26.19 8.67
CA TYR A 79 19.55 27.58 8.46
C TYR A 79 20.82 28.43 8.59
N HIS A 80 21.03 29.33 7.62
CA HIS A 80 22.20 30.22 7.59
C HIS A 80 21.89 31.68 7.87
N GLY A 81 20.64 32.07 7.73
CA GLY A 81 20.30 33.47 7.96
C GLY A 81 19.24 33.97 7.00
N SER A 82 18.79 35.22 7.19
CA SER A 82 17.79 35.78 6.30
C SER A 82 18.19 37.20 5.87
N TYR A 83 17.78 37.61 4.67
CA TYR A 83 18.09 38.93 4.10
C TYR A 83 16.81 39.65 3.80
N LEU A 84 16.81 41.00 3.97
CA LEU A 84 15.64 41.83 3.65
C LEU A 84 16.17 43.05 2.97
N TRP A 85 15.77 43.27 1.72
CA TRP A 85 16.19 44.42 0.93
C TRP A 85 15.25 44.61 -0.25
N LEU A 86 14.75 45.85 -0.42
CA LEU A 86 13.84 46.25 -1.50
C LEU A 86 12.60 45.33 -1.61
N GLN A 87 11.88 45.19 -0.47
CA GLN A 87 10.63 44.44 -0.30
C GLN A 87 10.72 42.94 -0.65
N LYS A 88 11.91 42.36 -0.50
CA LYS A 88 12.12 40.95 -0.78
C LYS A 88 12.80 40.30 0.41
N LEU A 89 12.26 39.18 0.88
CA LEU A 89 12.85 38.44 2.00
C LEU A 89 13.51 37.21 1.43
N TRP A 90 14.73 36.95 1.85
CA TRP A 90 15.48 35.82 1.35
C TRP A 90 15.92 34.94 2.50
N ILE A 91 15.42 33.70 2.54
CA ILE A 91 15.80 32.76 3.59
C ILE A 91 16.92 31.85 3.07
N CYS A 92 18.07 31.90 3.73
CA CYS A 92 19.23 31.13 3.34
C CYS A 92 19.34 29.80 4.07
N MET A 93 19.31 28.68 3.32
CA MET A 93 19.34 27.34 3.91
C MET A 93 20.32 26.37 3.23
N GLU A 94 20.55 25.23 3.88
CA GLU A 94 21.38 24.10 3.45
C GLU A 94 20.93 23.64 2.07
N PHE A 95 21.89 23.55 1.12
CA PHE A 95 21.55 23.07 -0.23
C PHE A 95 21.66 21.56 -0.19
N CYS A 96 20.67 20.87 -0.77
CA CYS A 96 20.62 19.41 -0.75
C CYS A 96 20.67 18.96 -2.21
N GLY A 97 21.87 18.60 -2.64
CA GLY A 97 22.22 18.32 -4.03
C GLY A 97 21.33 17.40 -4.82
N ALA A 98 20.77 16.38 -4.17
CA ALA A 98 19.92 15.42 -4.91
C ALA A 98 18.45 15.82 -5.00
N GLY A 99 18.09 16.95 -4.39
CA GLY A 99 16.72 17.43 -4.44
C GLY A 99 15.81 16.67 -3.50
N SER A 100 14.52 16.68 -3.82
CA SER A 100 13.55 15.98 -2.97
C SER A 100 13.45 14.53 -3.35
N LEU A 101 12.85 13.73 -2.47
CA LEU A 101 12.61 12.32 -2.81
C LEU A 101 11.67 12.22 -3.98
N GLN A 102 10.71 13.17 -4.13
CA GLN A 102 9.82 13.18 -5.30
C GLN A 102 10.65 13.44 -6.58
N ASP A 103 11.59 14.42 -6.55
CA ASP A 103 12.46 14.68 -7.72
C ASP A 103 13.22 13.40 -8.13
N ILE A 104 13.66 12.64 -7.12
CA ILE A 104 14.41 11.41 -7.31
C ILE A 104 13.52 10.29 -7.85
N TYR A 105 12.38 9.95 -7.18
CA TYR A 105 11.59 8.79 -7.61
C TYR A 105 10.91 9.00 -8.97
N GLN A 106 10.74 10.25 -9.43
CA GLN A 106 10.18 10.51 -10.77
C GLN A 106 11.14 10.06 -11.88
N VAL A 107 12.42 9.87 -11.54
CA VAL A 107 13.48 9.44 -12.45
C VAL A 107 13.84 7.94 -12.21
N THR A 108 14.06 7.57 -10.96
CA THR A 108 14.48 6.24 -10.57
C THR A 108 13.36 5.18 -10.42
N GLY A 109 12.11 5.63 -10.29
CA GLY A 109 10.98 4.75 -9.99
C GLY A 109 10.97 4.42 -8.49
N SER A 110 10.15 3.44 -8.08
CA SER A 110 9.97 3.02 -6.69
C SER A 110 11.24 2.75 -5.93
N LEU A 111 11.27 3.15 -4.67
CA LEU A 111 12.39 2.87 -3.79
C LEU A 111 12.27 1.44 -3.31
N SER A 112 13.40 0.82 -2.95
CA SER A 112 13.34 -0.52 -2.39
C SER A 112 12.87 -0.37 -0.94
N GLU A 113 12.48 -1.50 -0.33
CA GLU A 113 12.08 -1.49 1.08
C GLU A 113 13.20 -0.98 1.97
N LEU A 114 14.48 -1.43 1.75
CA LEU A 114 15.56 -0.91 2.63
C LEU A 114 15.73 0.60 2.51
N GLN A 115 15.63 1.12 1.29
CA GLN A 115 15.78 2.57 1.04
C GLN A 115 14.64 3.32 1.75
N ILE A 116 13.42 2.81 1.66
CA ILE A 116 12.28 3.44 2.35
C ILE A 116 12.48 3.35 3.88
N SER A 117 12.95 2.18 4.38
CA SER A 117 13.16 2.01 5.82
C SER A 117 14.14 3.04 6.33
N TYR A 118 15.27 3.23 5.59
CA TYR A 118 16.26 4.21 5.96
C TYR A 118 15.64 5.65 5.99
N VAL A 119 14.90 6.02 4.93
CA VAL A 119 14.29 7.37 4.87
C VAL A 119 13.36 7.53 6.07
N CYS A 120 12.53 6.52 6.34
CA CYS A 120 11.61 6.56 7.48
C CYS A 120 12.32 6.75 8.80
N ARG A 121 13.42 6.01 9.03
CA ARG A 121 14.17 6.20 10.29
C ARG A 121 14.62 7.64 10.39
N GLU A 122 15.23 8.18 9.33
CA GLU A 122 15.80 9.52 9.36
C GLU A 122 14.69 10.60 9.58
N VAL A 123 13.58 10.46 8.89
CA VAL A 123 12.43 11.39 9.05
C VAL A 123 11.92 11.28 10.51
N LEU A 124 11.79 10.04 11.06
CA LEU A 124 11.36 9.85 12.47
C LEU A 124 12.30 10.51 13.43
N GLN A 125 13.60 10.49 13.12
CA GLN A 125 14.58 11.19 13.97
C GLN A 125 14.33 12.69 13.95
N GLY A 126 14.11 13.28 12.75
CA GLY A 126 13.81 14.71 12.69
C GLY A 126 12.48 15.04 13.37
N LEU A 127 11.45 14.16 13.22
CA LEU A 127 10.14 14.36 13.86
C LEU A 127 10.24 14.29 15.40
N ALA A 128 10.99 13.31 15.91
CA ALA A 128 11.22 13.18 17.37
C ALA A 128 11.87 14.47 17.88
N TYR A 129 12.82 15.02 17.11
CA TYR A 129 13.44 16.26 17.51
C TYR A 129 12.43 17.43 17.48
N LEU A 130 11.66 17.58 16.39
CA LEU A 130 10.69 18.67 16.23
C LEU A 130 9.66 18.63 17.36
N HIS A 131 9.07 17.45 17.60
CA HIS A 131 8.05 17.24 18.63
C HIS A 131 8.59 17.51 20.04
N SER A 132 9.87 17.18 20.31
CA SER A 132 10.52 17.48 21.61
C SER A 132 10.63 18.99 21.84
N GLN A 133 10.62 19.78 20.76
CA GLN A 133 10.71 21.26 20.81
C GLN A 133 9.32 21.89 20.77
N LYS A 134 8.24 21.05 20.70
CA LYS A 134 6.84 21.47 20.62
C LYS A 134 6.52 22.08 19.24
N LYS A 135 7.25 21.62 18.19
CA LYS A 135 7.00 22.08 16.83
C LYS A 135 6.34 20.91 16.10
N ILE A 136 5.55 21.20 15.08
CA ILE A 136 4.86 20.21 14.24
C ILE A 136 5.16 20.59 12.81
N HIS A 137 5.54 19.63 11.98
CA HIS A 137 5.81 19.91 10.56
C HIS A 137 4.52 20.18 9.78
N ARG A 138 3.53 19.26 9.87
CA ARG A 138 2.22 19.30 9.22
C ARG A 138 2.24 19.20 7.71
N ASP A 139 3.43 18.99 7.06
CA ASP A 139 3.45 18.87 5.61
C ASP A 139 4.48 17.82 5.16
N ILE A 140 4.53 16.71 5.91
CA ILE A 140 5.44 15.61 5.55
C ILE A 140 4.94 14.94 4.31
N LYS A 141 5.79 14.92 3.28
CA LYS A 141 5.59 14.27 1.96
C LYS A 141 6.94 14.18 1.25
N GLY A 142 7.02 13.35 0.21
CA GLY A 142 8.25 13.18 -0.55
C GLY A 142 8.88 14.48 -1.03
N ALA A 143 8.06 15.50 -1.44
CA ALA A 143 8.55 16.77 -1.96
C ALA A 143 9.26 17.57 -0.87
N ASN A 144 8.97 17.28 0.40
CA ASN A 144 9.57 18.01 1.51
C ASN A 144 10.65 17.24 2.27
N ILE A 145 11.04 16.08 1.75
CA ILE A 145 12.16 15.32 2.33
C ILE A 145 13.28 15.44 1.31
N LEU A 146 14.33 16.18 1.69
CA LEU A 146 15.46 16.48 0.77
C LEU A 146 16.59 15.52 1.01
N ILE A 147 17.39 15.31 -0.05
CA ILE A 147 18.53 14.41 0.03
C ILE A 147 19.80 15.15 -0.40
N ASN A 148 20.85 15.12 0.43
CA ASN A 148 22.08 15.82 0.04
C ASN A 148 22.92 14.85 -0.79
N ASP A 149 24.10 15.29 -1.25
CA ASP A 149 24.95 14.42 -2.08
C ASP A 149 25.49 13.17 -1.37
N ALA A 150 25.45 13.17 -0.02
CA ALA A 150 25.91 12.05 0.81
C ALA A 150 24.80 11.01 1.14
N GLY A 151 23.62 11.18 0.55
CA GLY A 151 22.49 10.27 0.78
C GLY A 151 21.85 10.45 2.14
N GLU A 152 22.14 11.58 2.78
CA GLU A 152 21.57 11.99 4.08
C GLU A 152 20.25 12.73 3.87
N VAL A 153 19.37 12.65 4.86
CA VAL A 153 17.99 13.10 4.74
C VAL A 153 17.72 14.33 5.55
N ARG A 154 17.03 15.31 4.96
CA ARG A 154 16.71 16.55 5.67
C ARG A 154 15.25 16.92 5.44
N LEU A 155 14.52 17.23 6.50
CA LEU A 155 13.16 17.74 6.37
C LEU A 155 13.21 19.23 6.00
N ALA A 156 12.31 19.67 5.10
CA ALA A 156 12.29 21.07 4.69
C ALA A 156 10.83 21.60 4.56
N ASP A 157 10.72 22.91 4.27
CA ASP A 157 9.48 23.65 4.05
C ASP A 157 8.54 23.64 5.22
N PHE A 158 8.80 24.54 6.18
CA PHE A 158 7.97 24.76 7.34
C PHE A 158 6.90 25.83 7.02
N GLY A 159 6.65 26.06 5.75
CA GLY A 159 5.65 27.01 5.25
C GLY A 159 4.26 26.75 5.80
N ILE A 160 3.78 25.49 5.73
CA ILE A 160 2.45 25.12 6.25
C ILE A 160 2.46 25.28 7.77
N SER A 161 3.53 24.79 8.44
CA SER A 161 3.68 24.90 9.89
C SER A 161 3.60 26.38 10.36
N ALA A 162 4.31 27.26 9.66
CA ALA A 162 4.36 28.71 9.95
C ALA A 162 2.96 29.35 9.73
N GLN A 163 2.26 29.00 8.62
CA GLN A 163 0.93 29.54 8.30
C GLN A 163 -0.10 29.14 9.37
N ILE A 164 -0.15 27.84 9.75
CA ILE A 164 -1.08 27.36 10.80
C ILE A 164 -0.83 28.10 12.12
N GLY A 165 0.44 28.16 12.55
CA GLY A 165 0.86 28.85 13.76
C GLY A 165 0.45 30.32 13.78
N ALA A 166 0.65 31.02 12.64
CA ALA A 166 0.28 32.43 12.49
C ALA A 166 -1.25 32.59 12.47
N GLU A 167 -1.98 31.69 11.78
CA GLU A 167 -3.44 31.73 11.71
C GLU A 167 -4.04 31.49 13.10
N LEU A 168 -3.54 30.47 13.82
CA LEU A 168 -3.99 30.13 15.18
C LEU A 168 -3.90 31.35 16.11
N ALA A 169 -2.78 32.10 16.04
CA ALA A 169 -2.52 33.31 16.82
C ALA A 169 -3.37 34.51 16.37
N ARG A 170 -3.60 34.66 15.05
CA ARG A 170 -4.39 35.75 14.45
C ARG A 170 -5.89 35.60 14.76
N ARG A 171 -6.39 34.34 14.70
CA ARG A 171 -7.79 33.95 14.93
C ARG A 171 -8.25 34.23 16.36
N LEU A 172 -7.33 34.16 17.34
CA LEU A 172 -7.59 34.37 18.76
C LEU A 172 -8.22 35.74 19.07
N GLU A 173 -7.64 36.82 18.51
CA GLU A 173 -8.10 38.19 18.69
C GLU A 173 -9.49 38.38 18.11
N PHE A 174 -9.76 37.78 16.93
CA PHE A 174 -11.05 37.85 16.25
C PHE A 174 -12.08 36.85 16.82
N ILE A 175 -11.68 36.02 17.81
CA ILE A 175 -12.59 35.06 18.44
C ILE A 175 -13.48 35.75 19.49
N GLY A 176 -13.04 36.91 19.99
CA GLY A 176 -13.74 37.74 20.98
C GLY A 176 -13.60 37.26 22.43
N THR A 177 -14.55 37.67 23.31
CA THR A 177 -14.57 37.24 24.73
C THR A 177 -14.80 35.73 24.86
N PRO A 178 -14.14 35.08 25.84
CA PRO A 178 -14.26 33.62 26.02
C PRO A 178 -15.03 33.15 27.27
N TYR A 179 -15.56 34.06 28.09
CA TYR A 179 -16.19 33.67 29.37
C TYR A 179 -17.42 32.75 29.23
N TRP A 180 -18.08 32.78 28.06
CA TRP A 180 -19.26 31.94 27.84
C TRP A 180 -18.93 30.71 26.97
N MET A 181 -17.66 30.57 26.57
CA MET A 181 -17.20 29.50 25.70
C MET A 181 -17.07 28.16 26.40
N ALA A 182 -17.51 27.09 25.73
CA ALA A 182 -17.39 25.73 26.29
C ALA A 182 -15.91 25.28 26.27
N PRO A 183 -15.45 24.41 27.20
CA PRO A 183 -14.02 24.02 27.20
C PRO A 183 -13.52 23.46 25.87
N GLU A 184 -14.35 22.67 25.17
CA GLU A 184 -13.96 22.09 23.88
C GLU A 184 -13.77 23.12 22.77
N VAL A 185 -14.54 24.22 22.80
CA VAL A 185 -14.38 25.30 21.81
C VAL A 185 -13.04 26.01 22.14
N ALA A 186 -12.77 26.28 23.43
CA ALA A 186 -11.52 26.92 23.88
C ALA A 186 -10.31 26.05 23.48
N ALA A 187 -10.46 24.71 23.59
CA ALA A 187 -9.40 23.73 23.22
C ALA A 187 -9.04 23.80 21.76
N VAL A 188 -10.03 23.83 20.84
CA VAL A 188 -9.75 23.94 19.40
C VAL A 188 -9.22 25.33 19.03
N ALA A 189 -9.58 26.39 19.79
CA ALA A 189 -9.06 27.75 19.55
C ALA A 189 -7.55 27.81 19.85
N LEU A 190 -7.12 27.26 21.00
CA LEU A 190 -5.71 27.26 21.45
C LEU A 190 -4.82 26.15 20.91
N LYS A 191 -5.35 24.91 20.76
CA LYS A 191 -4.58 23.73 20.34
C LYS A 191 -4.82 23.28 18.90
N GLY A 192 -5.89 23.77 18.26
CA GLY A 192 -6.19 23.46 16.88
C GLY A 192 -7.04 22.23 16.61
N GLY A 193 -7.25 21.38 17.62
CA GLY A 193 -8.05 20.17 17.48
C GLY A 193 -7.30 18.90 17.10
N TYR A 194 -5.96 18.96 17.06
CA TYR A 194 -5.12 17.79 16.74
C TYR A 194 -3.73 18.04 17.30
N ASN A 195 -2.83 17.03 17.22
CA ASN A 195 -1.51 17.21 17.78
C ASN A 195 -0.42 16.73 16.81
N GLU A 196 0.80 16.65 17.29
CA GLU A 196 2.00 16.27 16.53
C GLU A 196 1.93 14.86 15.88
N LEU A 197 1.02 13.98 16.34
CA LEU A 197 0.87 12.62 15.77
C LEU A 197 0.35 12.67 14.37
N CYS A 198 -0.11 13.87 13.92
CA CYS A 198 -0.54 14.02 12.53
C CYS A 198 0.68 13.77 11.60
N ASP A 199 1.87 14.10 12.08
CA ASP A 199 3.13 13.91 11.33
C ASP A 199 3.44 12.43 11.16
N ILE A 200 3.05 11.55 12.13
CA ILE A 200 3.28 10.09 12.04
C ILE A 200 2.45 9.51 10.93
N TRP A 201 1.16 9.88 10.87
CA TRP A 201 0.32 9.46 9.77
C TRP A 201 0.96 9.89 8.43
N SER A 202 1.33 11.19 8.29
CA SER A 202 1.88 11.71 7.02
C SER A 202 3.10 10.91 6.60
N LEU A 203 3.90 10.50 7.57
CA LEU A 203 5.07 9.68 7.23
C LEU A 203 4.63 8.30 6.68
N GLY A 204 3.58 7.72 7.27
CA GLY A 204 3.04 6.45 6.79
C GLY A 204 2.58 6.59 5.36
N ILE A 205 1.94 7.74 5.05
CA ILE A 205 1.49 7.95 3.66
C ILE A 205 2.70 8.14 2.74
N THR A 206 3.74 8.83 3.23
CA THR A 206 4.96 9.08 2.46
C THR A 206 5.62 7.74 2.12
N ALA A 207 5.61 6.78 3.06
CA ALA A 207 6.25 5.48 2.83
C ALA A 207 5.54 4.76 1.71
N ILE A 208 4.20 4.91 1.62
CA ILE A 208 3.46 4.34 0.48
C ILE A 208 3.84 5.09 -0.80
N GLU A 209 3.91 6.44 -0.73
CA GLU A 209 4.27 7.26 -1.88
C GLU A 209 5.63 6.82 -2.46
N LEU A 210 6.62 6.57 -1.60
CA LEU A 210 7.97 6.15 -2.02
C LEU A 210 7.95 4.75 -2.66
N ALA A 211 7.02 3.91 -2.19
CA ALA A 211 6.87 2.54 -2.67
C ALA A 211 6.07 2.47 -3.95
N GLU A 212 5.15 3.41 -4.19
CA GLU A 212 4.21 3.31 -5.32
C GLU A 212 4.19 4.49 -6.28
N LEU A 213 4.97 5.55 -5.99
CA LEU A 213 5.12 6.76 -6.83
C LEU A 213 3.95 7.73 -6.73
N GLN A 214 2.98 7.43 -5.85
CA GLN A 214 1.79 8.23 -5.60
C GLN A 214 1.28 7.91 -4.21
N PRO A 215 0.63 8.89 -3.53
CA PRO A 215 0.00 8.57 -2.25
C PRO A 215 -1.33 7.84 -2.53
N PRO A 216 -1.94 7.13 -1.56
CA PRO A 216 -3.23 6.48 -1.83
C PRO A 216 -4.29 7.51 -2.21
N LEU A 217 -5.18 7.13 -3.14
CA LEU A 217 -6.31 7.96 -3.62
C LEU A 217 -5.85 9.19 -4.43
N PHE A 218 -4.67 9.07 -5.10
CA PHE A 218 -4.07 10.08 -5.99
C PHE A 218 -5.05 10.48 -7.11
N ASP A 219 -5.80 9.49 -7.65
CA ASP A 219 -6.76 9.64 -8.77
C ASP A 219 -8.08 10.29 -8.37
N VAL A 220 -8.40 10.27 -7.06
CA VAL A 220 -9.63 10.84 -6.50
C VAL A 220 -9.46 12.35 -6.31
N HIS A 221 -10.50 13.13 -6.68
CA HIS A 221 -10.57 14.58 -6.56
C HIS A 221 -10.25 15.01 -5.11
N PRO A 222 -9.40 16.06 -4.90
CA PRO A 222 -9.01 16.45 -3.53
C PRO A 222 -10.13 16.74 -2.53
N LEU A 223 -11.26 17.33 -2.99
CA LEU A 223 -12.39 17.65 -2.12
C LEU A 223 -13.06 16.38 -1.60
N ARG A 224 -13.25 15.37 -2.47
CA ARG A 224 -13.84 14.08 -2.15
C ARG A 224 -12.99 13.30 -1.13
N VAL A 225 -11.64 13.37 -1.25
CA VAL A 225 -10.69 12.71 -0.36
C VAL A 225 -10.91 13.20 1.08
N LEU A 226 -11.01 14.53 1.29
CA LEU A 226 -11.26 15.14 2.60
C LEU A 226 -12.58 14.66 3.18
N PHE A 227 -13.62 14.58 2.33
CA PHE A 227 -14.94 14.10 2.75
C PHE A 227 -14.86 12.65 3.16
N LEU A 228 -14.17 11.80 2.36
CA LEU A 228 -13.96 10.39 2.66
C LEU A 228 -13.27 10.20 4.02
N MET A 229 -12.22 11.02 4.29
CA MET A 229 -11.44 10.98 5.54
C MET A 229 -12.23 11.36 6.78
N THR A 230 -13.18 12.31 6.65
CA THR A 230 -14.01 12.78 7.77
C THR A 230 -15.05 11.74 8.20
N LYS A 231 -15.46 10.82 7.28
CA LYS A 231 -16.43 9.75 7.54
C LYS A 231 -15.98 8.87 8.70
N SER A 232 -16.85 8.71 9.71
CA SER A 232 -16.62 7.93 10.94
C SER A 232 -16.02 6.53 10.71
N GLY A 233 -16.28 5.96 9.54
CA GLY A 233 -15.78 4.65 9.14
C GLY A 233 -14.65 4.66 8.13
N TYR A 234 -13.89 5.78 8.02
CA TYR A 234 -12.76 5.86 7.08
C TYR A 234 -11.72 4.79 7.44
N GLN A 235 -11.35 3.97 6.45
CA GLN A 235 -10.39 2.88 6.60
C GLN A 235 -8.99 3.37 6.23
N PRO A 236 -8.00 3.32 7.16
CA PRO A 236 -6.63 3.71 6.79
C PRO A 236 -6.11 2.94 5.56
N PRO A 237 -5.39 3.61 4.64
CA PRO A 237 -4.89 2.91 3.45
C PRO A 237 -3.78 1.89 3.74
N ARG A 238 -3.42 1.10 2.75
CA ARG A 238 -2.45 -0.01 2.84
C ARG A 238 -1.58 -0.03 1.57
N LEU A 239 -0.47 -0.81 1.60
CA LEU A 239 0.34 -0.99 0.38
C LEU A 239 -0.48 -1.81 -0.62
N LYS A 240 -0.43 -1.46 -1.90
CA LYS A 240 -1.18 -2.11 -2.99
C LYS A 240 -0.73 -3.57 -3.17
N GLU A 241 0.58 -3.75 -3.43
CA GLU A 241 1.17 -5.08 -3.59
C GLU A 241 1.38 -5.64 -2.20
N LYS A 242 1.09 -6.92 -1.98
CA LYS A 242 1.28 -7.52 -0.65
C LYS A 242 2.59 -8.30 -0.57
N GLY A 243 2.79 -9.20 -1.53
CA GLY A 243 3.97 -10.07 -1.61
C GLY A 243 5.31 -9.40 -1.82
N LYS A 244 5.33 -8.19 -2.42
CA LYS A 244 6.57 -7.43 -2.67
C LYS A 244 7.22 -6.96 -1.35
N TRP A 245 6.41 -6.80 -0.30
CA TRP A 245 6.90 -6.19 0.94
C TRP A 245 6.87 -7.13 2.12
N SER A 246 7.83 -6.97 3.04
CA SER A 246 7.89 -7.80 4.26
C SER A 246 6.73 -7.50 5.21
N ALA A 247 6.46 -8.43 6.15
CA ALA A 247 5.45 -8.26 7.22
C ALA A 247 5.82 -7.01 8.08
N ALA A 248 7.13 -6.77 8.23
CA ALA A 248 7.61 -5.61 9.02
C ALA A 248 7.17 -4.27 8.38
N PHE A 249 7.28 -4.17 7.06
CA PHE A 249 6.89 -2.94 6.34
C PHE A 249 5.35 -2.82 6.40
N HIS A 250 4.60 -3.91 6.11
CA HIS A 250 3.13 -3.86 6.24
C HIS A 250 2.73 -3.42 7.62
N ASN A 251 3.42 -3.91 8.65
CA ASN A 251 3.12 -3.55 10.02
C ASN A 251 3.46 -2.08 10.36
N PHE A 252 4.59 -1.58 9.81
CA PHE A 252 4.99 -0.19 9.94
C PHE A 252 3.86 0.68 9.35
N ILE A 253 3.34 0.33 8.17
CA ILE A 253 2.23 1.11 7.55
C ILE A 253 0.97 1.07 8.46
N LYS A 254 0.60 -0.12 8.91
CA LYS A 254 -0.52 -0.34 9.81
C LYS A 254 -0.47 0.53 11.06
N VAL A 255 0.68 0.57 11.75
CA VAL A 255 0.79 1.33 13.01
C VAL A 255 0.95 2.85 12.79
N THR A 256 1.69 3.27 11.75
CA THR A 256 1.79 4.72 11.51
C THR A 256 0.43 5.28 11.07
N LEU A 257 -0.37 4.47 10.37
CA LEU A 257 -1.67 4.92 9.91
C LEU A 257 -2.78 4.48 10.86
N THR A 258 -2.52 4.54 12.17
CA THR A 258 -3.54 4.23 13.18
C THR A 258 -4.55 5.39 13.13
N LYS A 259 -5.84 5.11 12.82
CA LYS A 259 -6.88 6.13 12.67
C LYS A 259 -7.02 6.98 13.92
N SER A 260 -7.11 6.34 15.09
CA SER A 260 -7.22 7.03 16.36
C SER A 260 -5.91 7.73 16.79
N PRO A 261 -5.91 9.09 16.90
CA PRO A 261 -4.70 9.80 17.35
C PRO A 261 -4.28 9.42 18.75
N LYS A 262 -5.20 8.96 19.60
CA LYS A 262 -4.87 8.54 20.98
C LYS A 262 -4.09 7.22 20.96
N LYS A 263 -4.24 6.44 19.89
CA LYS A 263 -3.58 5.12 19.73
C LYS A 263 -2.33 5.15 18.85
N ARG A 264 -2.16 6.22 18.03
CA ARG A 264 -1.01 6.35 17.09
C ARG A 264 0.30 6.53 17.85
N PRO A 265 1.33 5.69 17.56
CA PRO A 265 2.60 5.82 18.28
C PRO A 265 3.36 7.08 17.96
N SER A 266 4.09 7.59 18.96
CA SER A 266 4.96 8.75 18.89
C SER A 266 6.17 8.47 18.00
N ALA A 267 6.88 9.52 17.58
CA ALA A 267 8.09 9.35 16.75
C ALA A 267 9.13 8.50 17.47
N THR A 268 9.34 8.77 18.79
CA THR A 268 10.29 7.99 19.59
C THR A 268 9.88 6.53 19.68
N LYS A 269 8.59 6.23 19.90
CA LYS A 269 8.13 4.83 19.95
C LYS A 269 8.38 4.15 18.59
N MET A 270 8.04 4.86 17.49
CA MET A 270 8.21 4.31 16.14
C MET A 270 9.68 3.98 15.80
N LEU A 271 10.63 4.68 16.41
CA LEU A 271 12.06 4.47 16.18
C LEU A 271 12.53 3.09 16.68
N SER A 272 11.73 2.45 17.56
CA SER A 272 12.08 1.11 18.02
C SER A 272 11.39 0.03 17.17
N HIS A 273 10.53 0.42 16.18
CA HIS A 273 9.86 -0.53 15.31
C HIS A 273 10.90 -1.36 14.53
N GLN A 274 10.61 -2.66 14.28
CA GLN A 274 11.51 -3.58 13.59
C GLN A 274 11.97 -3.04 12.23
N LEU A 275 11.05 -2.40 11.47
CA LEU A 275 11.47 -1.89 10.16
C LEU A 275 12.59 -0.86 10.23
N VAL A 276 12.47 0.11 11.13
CA VAL A 276 13.44 1.19 11.13
C VAL A 276 14.57 1.00 12.13
N SER A 277 14.51 -0.07 12.94
CA SER A 277 15.60 -0.33 13.88
C SER A 277 16.55 -1.41 13.36
N GLN A 278 16.39 -1.83 12.08
CA GLN A 278 17.27 -2.80 11.39
C GLN A 278 18.70 -2.28 11.41
N PRO A 279 19.69 -3.12 11.76
CA PRO A 279 21.09 -2.65 11.73
C PRO A 279 21.63 -2.27 10.35
N GLY A 280 21.04 -2.79 9.29
CA GLY A 280 21.51 -2.56 7.93
C GLY A 280 21.13 -1.24 7.29
N LEU A 281 20.53 -0.32 8.06
CA LEU A 281 20.09 0.95 7.46
C LEU A 281 21.18 2.00 7.54
N ASN A 282 21.60 2.53 6.38
CA ASN A 282 22.64 3.55 6.31
C ASN A 282 22.55 4.33 5.00
N ARG A 283 23.27 5.45 4.93
CA ARG A 283 23.27 6.36 3.78
C ARG A 283 23.70 5.70 2.51
N GLY A 284 24.49 4.62 2.61
CA GLY A 284 24.92 3.85 1.44
C GLY A 284 23.74 3.37 0.62
N LEU A 285 22.58 3.08 1.26
CA LEU A 285 21.38 2.67 0.52
C LEU A 285 20.89 3.78 -0.42
N ILE A 286 20.99 5.05 0.01
CA ILE A 286 20.55 6.16 -0.84
C ILE A 286 21.65 6.52 -1.84
N LEU A 287 22.92 6.37 -1.46
CA LEU A 287 24.03 6.58 -2.41
C LEU A 287 23.90 5.63 -3.61
N ASP A 288 23.39 4.39 -3.40
CA ASP A 288 23.09 3.42 -4.46
C ASP A 288 21.96 3.95 -5.35
N LEU A 289 20.94 4.61 -4.73
CA LEU A 289 19.79 5.20 -5.43
C LEU A 289 20.31 6.37 -6.26
N LEU A 290 21.15 7.21 -5.67
CA LEU A 290 21.76 8.37 -6.33
C LEU A 290 22.71 7.99 -7.49
N ASP A 291 23.36 6.79 -7.43
CA ASP A 291 24.25 6.30 -8.50
C ASP A 291 23.45 6.01 -9.75
N LYS A 292 22.21 5.54 -9.59
CA LYS A 292 21.25 5.21 -10.65
C LYS A 292 20.89 6.45 -11.48
N LEU A 293 20.90 7.65 -10.85
CA LEU A 293 20.57 8.93 -11.50
C LEU A 293 21.61 9.39 -12.49
N LYS A 294 22.90 9.40 -12.08
CA LYS A 294 24.03 9.86 -12.89
C LYS A 294 24.34 8.94 -14.06
N ASP B 7 -9.33 -15.63 -28.75
CA ASP B 7 -10.75 -15.80 -28.49
C ASP B 7 -11.58 -15.25 -29.66
N PRO B 8 -12.51 -16.04 -30.25
CA PRO B 8 -13.33 -15.49 -31.37
C PRO B 8 -14.46 -14.59 -30.87
N ASP B 9 -14.83 -14.72 -29.58
CA ASP B 9 -15.89 -13.95 -28.93
C ASP B 9 -15.40 -12.61 -28.38
N ILE B 10 -14.10 -12.28 -28.55
CA ILE B 10 -13.50 -11.03 -28.07
C ILE B 10 -14.13 -9.77 -28.69
N PHE B 11 -14.22 -8.69 -27.90
CA PHE B 11 -14.77 -7.43 -28.38
C PHE B 11 -13.63 -6.60 -28.85
N ASN B 12 -13.60 -6.30 -30.16
CA ASN B 12 -12.56 -5.44 -30.70
C ASN B 12 -13.11 -4.03 -30.63
N ARG B 13 -13.23 -3.52 -29.40
CA ARG B 13 -13.76 -2.18 -29.12
C ARG B 13 -13.35 -1.73 -27.75
N ASP B 14 -13.40 -0.42 -27.51
CA ASP B 14 -13.06 0.15 -26.20
C ASP B 14 -14.22 -0.22 -25.26
N PRO B 15 -13.92 -0.83 -24.08
CA PRO B 15 -15.00 -1.21 -23.15
C PRO B 15 -15.72 0.00 -22.54
N ARG B 16 -15.07 1.18 -22.57
CA ARG B 16 -15.69 2.44 -22.10
C ARG B 16 -16.83 2.88 -23.01
N ASP B 17 -17.01 2.21 -24.18
CA ASP B 17 -18.21 2.40 -25.04
C ASP B 17 -19.42 1.84 -24.29
N HIS B 18 -19.21 0.75 -23.51
CA HIS B 18 -20.26 0.00 -22.82
C HIS B 18 -20.37 0.30 -21.33
N TYR B 19 -19.25 0.65 -20.71
CA TYR B 19 -19.13 0.87 -19.27
C TYR B 19 -18.52 2.17 -18.86
N ASP B 20 -19.01 2.70 -17.74
CA ASP B 20 -18.45 3.84 -17.05
C ASP B 20 -17.52 3.28 -15.98
N LEU B 21 -16.21 3.63 -15.99
CA LEU B 21 -15.28 3.17 -14.95
C LEU B 21 -15.52 4.02 -13.71
N LEU B 22 -15.82 3.36 -12.56
CA LEU B 22 -16.17 4.04 -11.31
C LEU B 22 -15.09 4.10 -10.27
N GLN B 23 -14.32 3.05 -10.13
CA GLN B 23 -13.34 3.04 -9.05
C GLN B 23 -12.25 2.04 -9.34
N ARG B 24 -11.03 2.30 -8.86
CA ARG B 24 -9.92 1.33 -8.93
C ARG B 24 -10.11 0.41 -7.72
N LEU B 25 -10.08 -0.90 -7.96
CA LEU B 25 -10.30 -1.91 -6.91
C LEU B 25 -9.02 -2.56 -6.41
N GLY B 26 -7.93 -2.35 -7.13
CA GLY B 26 -6.61 -2.90 -6.79
C GLY B 26 -6.12 -3.87 -7.84
N GLY B 27 -5.00 -4.50 -7.59
CA GLY B 27 -4.45 -5.45 -8.55
C GLY B 27 -4.59 -6.89 -8.12
N GLY B 28 -4.34 -7.77 -9.05
CA GLY B 28 -4.29 -9.20 -8.81
C GLY B 28 -2.88 -9.66 -9.04
N THR B 29 -2.70 -10.93 -9.44
CA THR B 29 -1.40 -11.51 -9.80
C THR B 29 -0.81 -10.65 -10.94
N TYR B 30 -1.70 -10.15 -11.80
CA TYR B 30 -1.36 -9.16 -12.83
C TYR B 30 -2.60 -8.33 -13.13
N GLY B 31 -2.40 -7.19 -13.80
CA GLY B 31 -3.51 -6.33 -14.16
C GLY B 31 -4.04 -5.49 -13.01
N GLU B 32 -5.01 -4.64 -13.33
CA GLU B 32 -5.65 -3.74 -12.38
C GLU B 32 -7.14 -3.90 -12.56
N VAL B 33 -7.86 -4.07 -11.45
CA VAL B 33 -9.30 -4.28 -11.50
C VAL B 33 -10.10 -3.01 -11.23
N PHE B 34 -11.13 -2.76 -12.06
CA PHE B 34 -12.02 -1.62 -11.90
C PHE B 34 -13.43 -2.03 -11.66
N LYS B 35 -14.15 -1.20 -10.86
CA LYS B 35 -15.60 -1.30 -10.69
C LYS B 35 -16.17 -0.49 -11.88
N ALA B 36 -17.10 -1.06 -12.61
CA ALA B 36 -17.67 -0.40 -13.77
C ALA B 36 -19.17 -0.60 -13.80
N ARG B 37 -19.89 0.33 -14.46
CA ARG B 37 -21.35 0.28 -14.54
C ARG B 37 -21.75 0.25 -15.99
N ASP B 38 -22.59 -0.72 -16.36
CA ASP B 38 -23.12 -0.89 -17.71
C ASP B 38 -23.93 0.37 -18.04
N LYS B 39 -23.59 1.05 -19.14
CA LYS B 39 -24.25 2.33 -19.50
C LYS B 39 -25.73 2.18 -19.82
N VAL B 40 -26.16 1.02 -20.35
CA VAL B 40 -27.57 0.87 -20.70
C VAL B 40 -28.39 0.25 -19.55
N SER B 41 -27.84 -0.78 -18.85
CA SER B 41 -28.57 -1.50 -17.80
C SER B 41 -28.34 -1.03 -16.36
N GLY B 42 -27.24 -0.35 -16.09
CA GLY B 42 -26.89 0.09 -14.74
C GLY B 42 -26.27 -1.03 -13.91
N ASP B 43 -26.14 -2.24 -14.47
CA ASP B 43 -25.52 -3.41 -13.81
C ASP B 43 -24.06 -3.11 -13.52
N LEU B 44 -23.55 -3.56 -12.36
CA LEU B 44 -22.16 -3.42 -12.01
C LEU B 44 -21.36 -4.65 -12.44
N VAL B 45 -20.11 -4.42 -12.87
CA VAL B 45 -19.19 -5.49 -13.31
C VAL B 45 -17.81 -5.17 -12.74
N ALA B 46 -16.90 -6.15 -12.81
CA ALA B 46 -15.52 -5.90 -12.46
C ALA B 46 -14.81 -6.02 -13.81
N LEU B 47 -13.94 -5.08 -14.10
CA LEU B 47 -13.17 -5.09 -15.35
C LEU B 47 -11.71 -5.17 -15.00
N LYS B 48 -11.00 -6.21 -15.45
CA LYS B 48 -9.58 -6.36 -15.16
C LYS B 48 -8.82 -5.97 -16.41
N MET B 49 -8.02 -4.92 -16.32
CA MET B 49 -7.23 -4.36 -17.43
C MET B 49 -5.80 -4.89 -17.35
N VAL B 50 -5.33 -5.48 -18.42
CA VAL B 50 -3.96 -5.98 -18.46
C VAL B 50 -3.25 -5.35 -19.66
N LYS B 51 -2.07 -4.77 -19.41
CA LYS B 51 -1.21 -4.13 -20.43
C LYS B 51 -0.72 -5.24 -21.34
N MET B 52 -1.05 -5.15 -22.63
CA MET B 52 -0.71 -6.15 -23.63
C MET B 52 0.00 -5.56 -24.86
N GLU B 53 1.35 -5.43 -24.79
CA GLU B 53 2.19 -4.90 -25.87
C GLU B 53 2.23 -5.81 -27.14
N PRO B 54 2.56 -5.27 -28.35
CA PRO B 54 2.49 -6.09 -29.59
C PRO B 54 3.39 -7.32 -29.68
N ASP B 55 4.61 -7.24 -29.13
CA ASP B 55 5.56 -8.36 -29.19
C ASP B 55 5.31 -9.44 -28.12
N ASP B 56 4.61 -9.07 -27.01
CA ASP B 56 4.29 -9.93 -25.87
C ASP B 56 3.59 -11.26 -26.20
N ASP B 57 3.90 -12.29 -25.37
CA ASP B 57 3.30 -13.62 -25.46
C ASP B 57 1.90 -13.49 -24.84
N VAL B 58 0.87 -13.81 -25.62
CA VAL B 58 -0.50 -13.69 -25.13
C VAL B 58 -1.05 -15.04 -24.58
N SER B 59 -0.20 -16.09 -24.52
CA SER B 59 -0.62 -17.41 -24.04
C SER B 59 -1.17 -17.40 -22.61
N THR B 60 -0.57 -16.64 -21.67
CA THR B 60 -1.13 -16.59 -20.28
C THR B 60 -2.54 -16.01 -20.25
N LEU B 61 -2.76 -14.88 -20.96
CA LEU B 61 -4.12 -14.30 -20.98
C LEU B 61 -5.13 -15.14 -21.73
N GLN B 62 -4.71 -15.84 -22.79
CA GLN B 62 -5.55 -16.78 -23.53
C GLN B 62 -5.99 -17.93 -22.56
N LYS B 63 -5.07 -18.43 -21.75
CA LYS B 63 -5.35 -19.48 -20.79
C LYS B 63 -6.27 -19.00 -19.68
N GLU B 64 -6.05 -17.79 -19.17
CA GLU B 64 -6.92 -17.28 -18.12
C GLU B 64 -8.37 -17.14 -18.59
N ILE B 65 -8.56 -16.60 -19.82
CA ILE B 65 -9.92 -16.43 -20.37
C ILE B 65 -10.56 -17.79 -20.65
N LEU B 66 -9.78 -18.79 -21.12
CA LEU B 66 -10.30 -20.15 -21.33
C LEU B 66 -10.75 -20.77 -20.01
N ILE B 67 -9.95 -20.59 -18.93
CA ILE B 67 -10.33 -21.12 -17.61
C ILE B 67 -11.65 -20.51 -17.16
N LEU B 68 -11.74 -19.17 -17.22
CA LEU B 68 -12.96 -18.50 -16.79
C LEU B 68 -14.17 -18.81 -17.65
N LYS B 69 -14.01 -18.80 -18.96
CA LYS B 69 -15.10 -18.97 -19.92
C LYS B 69 -15.80 -20.33 -19.83
N THR B 70 -15.02 -21.38 -19.50
CA THR B 70 -15.54 -22.75 -19.45
C THR B 70 -15.97 -23.15 -18.01
N CYS B 71 -16.04 -22.18 -17.07
CA CYS B 71 -16.53 -22.38 -15.70
C CYS B 71 -17.95 -21.92 -15.66
N ARG B 72 -18.84 -22.74 -15.09
CA ARG B 72 -20.24 -22.34 -14.95
C ARG B 72 -20.68 -22.87 -13.59
N HIS B 73 -20.22 -22.21 -12.54
CA HIS B 73 -20.50 -22.62 -11.15
C HIS B 73 -20.64 -21.38 -10.33
N ALA B 74 -21.62 -21.36 -9.41
CA ALA B 74 -21.88 -20.18 -8.59
C ALA B 74 -20.67 -19.73 -7.77
N ASN B 75 -19.80 -20.68 -7.31
CA ASN B 75 -18.68 -20.29 -6.45
C ASN B 75 -17.41 -19.89 -7.23
N ILE B 76 -17.54 -19.72 -8.53
CA ILE B 76 -16.41 -19.23 -9.33
C ILE B 76 -16.89 -17.95 -9.99
N VAL B 77 -16.12 -16.83 -9.89
CA VAL B 77 -16.58 -15.58 -10.52
C VAL B 77 -17.07 -15.77 -11.97
N ALA B 78 -18.24 -15.23 -12.27
CA ALA B 78 -18.81 -15.35 -13.61
C ALA B 78 -18.02 -14.54 -14.61
N TYR B 79 -17.94 -15.07 -15.83
CA TYR B 79 -17.24 -14.41 -16.93
C TYR B 79 -18.27 -13.81 -17.88
N HIS B 80 -18.10 -12.54 -18.25
CA HIS B 80 -19.02 -11.88 -19.19
C HIS B 80 -18.47 -11.71 -20.58
N GLY B 81 -17.15 -11.59 -20.70
CA GLY B 81 -16.51 -11.37 -21.99
C GLY B 81 -15.23 -10.59 -21.84
N SER B 82 -14.56 -10.30 -22.97
CA SER B 82 -13.29 -9.59 -22.94
C SER B 82 -13.23 -8.62 -24.11
N TYR B 83 -12.45 -7.58 -23.92
CA TYR B 83 -12.20 -6.51 -24.87
C TYR B 83 -10.73 -6.42 -25.16
N LEU B 84 -10.39 -6.21 -26.46
CA LEU B 84 -9.00 -5.96 -26.85
C LEU B 84 -9.01 -4.59 -27.54
N TRP B 85 -8.27 -3.61 -26.99
CA TRP B 85 -8.22 -2.23 -27.52
C TRP B 85 -7.03 -1.43 -27.00
N LEU B 86 -6.26 -0.80 -27.93
CA LEU B 86 -5.09 0.02 -27.59
C LEU B 86 -4.05 -0.65 -26.66
N GLN B 87 -3.64 -1.89 -27.00
CA GLN B 87 -2.61 -2.65 -26.24
C GLN B 87 -3.06 -2.97 -24.81
N LYS B 88 -4.38 -3.06 -24.62
CA LYS B 88 -4.99 -3.38 -23.32
C LYS B 88 -6.06 -4.45 -23.50
N LEU B 89 -6.01 -5.48 -22.65
CA LEU B 89 -7.01 -6.52 -22.71
C LEU B 89 -7.85 -6.34 -21.45
N TRP B 90 -9.17 -6.30 -21.59
CA TRP B 90 -10.05 -6.11 -20.44
C TRP B 90 -10.89 -7.34 -20.25
N ILE B 91 -10.82 -7.97 -19.08
CA ILE B 91 -11.63 -9.16 -18.82
C ILE B 91 -12.82 -8.71 -17.96
N CYS B 92 -14.03 -8.96 -18.44
CA CYS B 92 -15.25 -8.54 -17.75
C CYS B 92 -15.82 -9.66 -16.92
N MET B 93 -15.93 -9.44 -15.61
CA MET B 93 -16.37 -10.49 -14.69
C MET B 93 -17.38 -9.98 -13.68
N GLU B 94 -17.89 -10.92 -12.89
CA GLU B 94 -18.85 -10.64 -11.86
C GLU B 94 -18.28 -9.69 -10.81
N PHE B 95 -19.04 -8.64 -10.46
CA PHE B 95 -18.62 -7.74 -9.41
C PHE B 95 -19.06 -8.31 -8.09
N CYS B 96 -18.14 -8.30 -7.11
CA CYS B 96 -18.37 -8.80 -5.76
C CYS B 96 -18.16 -7.66 -4.81
N GLY B 97 -19.29 -7.00 -4.52
CA GLY B 97 -19.33 -5.74 -3.80
C GLY B 97 -18.59 -5.59 -2.51
N ALA B 98 -18.38 -6.67 -1.76
CA ALA B 98 -17.67 -6.53 -0.49
C ALA B 98 -16.16 -6.76 -0.61
N GLY B 99 -15.69 -7.07 -1.81
CA GLY B 99 -14.25 -7.29 -2.02
C GLY B 99 -13.79 -8.64 -1.54
N SER B 100 -12.49 -8.77 -1.22
CA SER B 100 -11.96 -10.04 -0.79
C SER B 100 -12.13 -10.25 0.69
N LEU B 101 -11.91 -11.47 1.15
CA LEU B 101 -11.97 -11.74 2.61
C LEU B 101 -10.82 -11.01 3.29
N GLN B 102 -9.69 -10.81 2.56
CA GLN B 102 -8.59 -10.04 3.14
C GLN B 102 -9.03 -8.57 3.26
N ASP B 103 -9.77 -8.01 2.27
CA ASP B 103 -10.26 -6.61 2.40
C ASP B 103 -11.15 -6.49 3.65
N ILE B 104 -11.93 -7.53 3.90
CA ILE B 104 -12.88 -7.55 4.99
C ILE B 104 -12.20 -7.69 6.34
N TYR B 105 -11.45 -8.79 6.54
CA TYR B 105 -10.84 -9.04 7.85
C TYR B 105 -9.84 -7.93 8.25
N GLN B 106 -9.26 -7.17 7.28
CA GLN B 106 -8.36 -6.04 7.64
C GLN B 106 -9.14 -4.93 8.37
N VAL B 107 -10.50 -4.95 8.27
CA VAL B 107 -11.37 -3.97 8.91
C VAL B 107 -12.01 -4.62 10.16
N THR B 108 -12.64 -5.80 9.96
CA THR B 108 -13.42 -6.49 10.99
C THR B 108 -12.65 -7.24 12.05
N GLY B 109 -11.44 -7.70 11.75
CA GLY B 109 -10.69 -8.57 12.64
C GLY B 109 -11.03 -10.02 12.30
N SER B 110 -10.56 -10.96 13.12
CA SER B 110 -10.76 -12.41 12.91
C SER B 110 -12.21 -12.82 12.65
N LEU B 111 -12.40 -13.81 11.78
CA LEU B 111 -13.74 -14.31 11.49
C LEU B 111 -14.14 -15.32 12.59
N SER B 112 -15.45 -15.48 12.81
CA SER B 112 -15.89 -16.48 13.79
C SER B 112 -15.74 -17.85 13.16
N GLU B 113 -15.75 -18.92 13.97
CA GLU B 113 -15.62 -20.28 13.45
C GLU B 113 -16.74 -20.62 12.48
N LEU B 114 -17.99 -20.18 12.75
CA LEU B 114 -19.09 -20.46 11.81
C LEU B 114 -18.88 -19.73 10.49
N GLN B 115 -18.38 -18.49 10.55
CA GLN B 115 -18.12 -17.70 9.34
C GLN B 115 -17.07 -18.43 8.49
N ILE B 116 -16.00 -18.91 9.13
CA ILE B 116 -14.92 -19.66 8.46
C ILE B 116 -15.48 -20.94 7.86
N SER B 117 -16.37 -21.67 8.62
CA SER B 117 -16.95 -22.89 8.13
C SER B 117 -17.76 -22.68 6.87
N TYR B 118 -18.57 -21.62 6.82
CA TYR B 118 -19.39 -21.34 5.62
C TYR B 118 -18.40 -21.05 4.44
N VAL B 119 -17.40 -20.18 4.70
CA VAL B 119 -16.43 -19.86 3.61
C VAL B 119 -15.75 -21.11 3.07
N CYS B 120 -15.28 -21.98 3.97
CA CYS B 120 -14.61 -23.24 3.60
C CYS B 120 -15.51 -24.15 2.80
N ARG B 121 -16.80 -24.18 3.15
CA ARG B 121 -17.71 -25.03 2.36
C ARG B 121 -17.86 -24.49 0.96
N GLU B 122 -18.04 -23.17 0.84
CA GLU B 122 -18.26 -22.57 -0.49
C GLU B 122 -17.00 -22.70 -1.33
N VAL B 123 -15.83 -22.48 -0.72
CA VAL B 123 -14.57 -22.63 -1.50
C VAL B 123 -14.41 -24.09 -1.95
N LEU B 124 -14.76 -25.06 -1.06
CA LEU B 124 -14.63 -26.47 -1.43
C LEU B 124 -15.57 -26.84 -2.53
N GLN B 125 -16.78 -26.23 -2.57
CA GLN B 125 -17.72 -26.46 -3.70
C GLN B 125 -17.07 -25.96 -5.01
N GLY B 126 -16.45 -24.78 -4.97
CA GLY B 126 -15.82 -24.25 -6.18
C GLY B 126 -14.61 -25.08 -6.59
N LEU B 127 -13.85 -25.57 -5.61
CA LEU B 127 -12.66 -26.38 -5.89
C LEU B 127 -13.08 -27.75 -6.43
N ALA B 128 -14.15 -28.33 -5.90
CA ALA B 128 -14.65 -29.63 -6.41
C ALA B 128 -15.02 -29.47 -7.86
N TYR B 129 -15.66 -28.35 -8.20
CA TYR B 129 -16.04 -28.11 -9.58
C TYR B 129 -14.82 -27.97 -10.47
N LEU B 130 -13.86 -27.12 -10.03
CA LEU B 130 -12.67 -26.91 -10.82
C LEU B 130 -11.91 -28.22 -11.07
N HIS B 131 -11.69 -29.01 -10.02
CA HIS B 131 -10.93 -30.23 -10.11
C HIS B 131 -11.69 -31.24 -10.96
N SER B 132 -13.04 -31.16 -11.01
CA SER B 132 -13.90 -32.01 -11.88
C SER B 132 -13.69 -31.65 -13.36
N GLN B 133 -13.05 -30.51 -13.63
CA GLN B 133 -12.74 -30.07 -15.00
C GLN B 133 -11.26 -30.25 -15.31
N LYS B 134 -10.48 -30.82 -14.36
CA LYS B 134 -9.02 -30.99 -14.48
C LYS B 134 -8.30 -29.61 -14.48
N LYS B 135 -8.88 -28.67 -13.74
CA LYS B 135 -8.36 -27.31 -13.50
C LYS B 135 -7.84 -27.26 -12.10
N ILE B 136 -6.87 -26.39 -11.83
CA ILE B 136 -6.24 -26.25 -10.52
C ILE B 136 -6.19 -24.75 -10.30
N HIS B 137 -6.59 -24.29 -9.13
CA HIS B 137 -6.59 -22.83 -8.90
C HIS B 137 -5.13 -22.37 -8.65
N ARG B 138 -4.43 -23.06 -7.71
CA ARG B 138 -3.04 -22.87 -7.34
C ARG B 138 -2.75 -21.57 -6.57
N ASP B 139 -3.79 -20.76 -6.31
CA ASP B 139 -3.55 -19.51 -5.59
C ASP B 139 -4.69 -19.21 -4.60
N ILE B 140 -5.13 -20.24 -3.88
CA ILE B 140 -6.18 -20.05 -2.89
C ILE B 140 -5.59 -19.34 -1.69
N LYS B 141 -6.22 -18.23 -1.30
CA LYS B 141 -5.83 -17.37 -0.15
C LYS B 141 -6.97 -16.38 0.05
N GLY B 142 -7.03 -15.69 1.20
CA GLY B 142 -8.10 -14.75 1.47
C GLY B 142 -8.30 -13.67 0.42
N ALA B 143 -7.19 -13.19 -0.21
CA ALA B 143 -7.26 -12.13 -1.22
C ALA B 143 -8.01 -12.58 -2.47
N ASN B 144 -8.04 -13.90 -2.70
CA ASN B 144 -8.68 -14.47 -3.92
C ASN B 144 -10.07 -15.07 -3.66
N ILE B 145 -10.57 -14.90 -2.44
CA ILE B 145 -11.93 -15.39 -2.12
C ILE B 145 -12.75 -14.13 -1.97
N LEU B 146 -13.65 -13.90 -2.91
CA LEU B 146 -14.45 -12.69 -2.94
C LEU B 146 -15.81 -12.89 -2.34
N ILE B 147 -16.38 -11.78 -1.87
CA ILE B 147 -17.70 -11.76 -1.21
C ILE B 147 -18.60 -10.71 -1.89
N ASN B 148 -19.82 -11.10 -2.30
CA ASN B 148 -20.69 -10.10 -2.86
C ASN B 148 -21.60 -9.50 -1.74
N ASP B 149 -22.43 -8.50 -2.10
CA ASP B 149 -23.31 -7.80 -1.16
C ASP B 149 -24.32 -8.73 -0.53
N ALA B 150 -24.61 -9.87 -1.20
CA ALA B 150 -25.57 -10.85 -0.67
C ALA B 150 -24.90 -11.81 0.32
N GLY B 151 -23.58 -11.71 0.49
CA GLY B 151 -22.82 -12.57 1.41
C GLY B 151 -22.37 -13.90 0.79
N GLU B 152 -22.47 -13.99 -0.53
CA GLU B 152 -22.09 -15.15 -1.31
C GLU B 152 -20.59 -15.12 -1.63
N VAL B 153 -19.99 -16.31 -1.82
CA VAL B 153 -18.53 -16.52 -1.95
C VAL B 153 -18.19 -16.85 -3.37
N ARG B 154 -17.13 -16.21 -3.93
CA ARG B 154 -16.72 -16.56 -5.30
C ARG B 154 -15.17 -16.62 -5.34
N LEU B 155 -14.63 -17.67 -5.95
CA LEU B 155 -13.17 -17.75 -6.18
C LEU B 155 -12.83 -16.87 -7.38
N ALA B 156 -11.63 -16.27 -7.35
CA ALA B 156 -11.21 -15.34 -8.40
C ALA B 156 -9.70 -15.46 -8.62
N ASP B 157 -9.23 -14.78 -9.68
CA ASP B 157 -7.83 -14.68 -10.04
C ASP B 157 -7.15 -16.00 -10.38
N PHE B 158 -7.39 -16.42 -11.62
CA PHE B 158 -6.77 -17.61 -12.17
C PHE B 158 -5.39 -17.21 -12.80
N GLY B 159 -4.86 -16.04 -12.44
CA GLY B 159 -3.58 -15.56 -12.97
C GLY B 159 -2.43 -16.55 -12.76
N ILE B 160 -2.24 -17.06 -11.54
CA ILE B 160 -1.14 -18.02 -11.27
C ILE B 160 -1.37 -19.30 -12.12
N SER B 161 -2.62 -19.82 -12.09
CA SER B 161 -2.97 -21.03 -12.85
C SER B 161 -2.67 -20.87 -14.33
N ALA B 162 -3.05 -19.72 -14.90
CA ALA B 162 -2.82 -19.45 -16.33
C ALA B 162 -1.32 -19.34 -16.62
N GLN B 163 -0.55 -18.67 -15.74
CA GLN B 163 0.88 -18.49 -15.92
C GLN B 163 1.60 -19.85 -15.91
N ILE B 164 1.24 -20.74 -14.97
CA ILE B 164 1.83 -22.09 -14.87
C ILE B 164 1.52 -22.86 -16.15
N GLY B 165 0.25 -22.83 -16.57
CA GLY B 165 -0.22 -23.47 -17.79
C GLY B 165 0.50 -22.99 -19.03
N ALA B 166 0.75 -21.67 -19.15
CA ALA B 166 1.49 -21.14 -20.30
C ALA B 166 3.01 -21.47 -20.21
N GLU B 167 3.59 -21.39 -18.99
CA GLU B 167 5.02 -21.66 -18.76
C GLU B 167 5.38 -23.12 -19.10
N LEU B 168 4.51 -24.06 -18.71
CA LEU B 168 4.64 -25.51 -18.94
C LEU B 168 4.52 -25.82 -20.42
N ALA B 169 3.62 -25.12 -21.15
CA ALA B 169 3.42 -25.28 -22.59
C ALA B 169 4.57 -24.68 -23.42
N ARG B 170 5.23 -23.61 -22.90
CA ARG B 170 6.36 -22.94 -23.55
C ARG B 170 7.61 -23.80 -23.43
N ARG B 171 7.78 -24.48 -22.30
CA ARG B 171 8.92 -25.37 -22.04
C ARG B 171 8.82 -26.64 -22.89
N LEU B 172 7.58 -27.09 -23.16
CA LEU B 172 7.25 -28.27 -23.95
C LEU B 172 7.70 -28.13 -25.41
N GLU B 173 7.53 -26.93 -26.01
CA GLU B 173 7.95 -26.68 -27.39
C GLU B 173 9.45 -26.33 -27.51
N PHE B 174 10.17 -26.26 -26.36
CA PHE B 174 11.59 -25.90 -26.33
C PHE B 174 12.51 -26.91 -25.57
N ILE B 175 11.98 -28.07 -25.13
CA ILE B 175 12.80 -29.08 -24.42
C ILE B 175 13.78 -29.82 -25.36
N GLY B 176 13.54 -29.74 -26.67
CA GLY B 176 14.38 -30.35 -27.69
C GLY B 176 14.28 -31.86 -27.74
N THR B 177 15.38 -32.54 -28.13
CA THR B 177 15.42 -34.01 -28.22
C THR B 177 15.22 -34.65 -26.83
N PRO B 178 14.19 -35.49 -26.67
CA PRO B 178 13.97 -36.13 -25.36
C PRO B 178 14.50 -37.57 -25.25
N TYR B 179 15.16 -38.07 -26.28
CA TYR B 179 15.56 -39.49 -26.36
C TYR B 179 16.47 -40.00 -25.23
N TRP B 180 17.24 -39.07 -24.62
CA TRP B 180 18.15 -39.45 -23.52
C TRP B 180 17.61 -39.08 -22.15
N MET B 181 16.39 -38.48 -22.12
CA MET B 181 15.78 -38.01 -20.87
C MET B 181 15.18 -39.07 -20.01
N ALA B 182 15.38 -38.95 -18.69
CA ALA B 182 14.83 -39.86 -17.70
C ALA B 182 13.30 -39.62 -17.64
N PRO B 183 12.48 -40.67 -17.49
CA PRO B 183 11.00 -40.47 -17.48
C PRO B 183 10.48 -39.47 -16.44
N GLU B 184 11.13 -39.37 -15.27
CA GLU B 184 10.71 -38.41 -14.24
C GLU B 184 10.97 -36.96 -14.64
N VAL B 185 11.96 -36.71 -15.53
CA VAL B 185 12.28 -35.36 -15.97
C VAL B 185 11.22 -34.94 -16.99
N ALA B 186 10.78 -35.91 -17.83
CA ALA B 186 9.77 -35.71 -18.85
C ALA B 186 8.38 -35.57 -18.22
N ALA B 187 8.14 -36.28 -17.10
CA ALA B 187 6.89 -36.25 -16.34
C ALA B 187 6.70 -34.87 -15.72
N VAL B 188 7.76 -34.31 -15.06
CA VAL B 188 7.70 -32.98 -14.43
C VAL B 188 7.56 -31.90 -15.52
N ALA B 189 8.14 -32.12 -16.71
CA ALA B 189 8.07 -31.18 -17.85
C ALA B 189 6.67 -31.15 -18.49
N LEU B 190 5.90 -32.22 -18.34
CA LEU B 190 4.57 -32.35 -18.92
C LEU B 190 3.42 -32.19 -17.92
N LYS B 191 3.63 -32.58 -16.65
CA LYS B 191 2.61 -32.58 -15.60
C LYS B 191 2.89 -31.70 -14.37
N GLY B 192 3.97 -30.93 -14.39
CA GLY B 192 4.30 -29.99 -13.32
C GLY B 192 4.84 -30.50 -11.99
N GLY B 193 4.75 -31.80 -11.73
CA GLY B 193 5.29 -32.39 -10.51
C GLY B 193 4.39 -32.40 -9.29
N TYR B 194 3.12 -31.98 -9.44
CA TYR B 194 2.13 -31.99 -8.35
C TYR B 194 0.73 -32.00 -8.97
N ASN B 195 -0.31 -32.00 -8.14
CA ASN B 195 -1.68 -32.09 -8.65
C ASN B 195 -2.62 -31.15 -7.87
N GLU B 196 -3.95 -31.30 -8.10
CA GLU B 196 -5.02 -30.46 -7.56
C GLU B 196 -5.14 -30.46 -6.06
N LEU B 197 -4.53 -31.47 -5.39
CA LEU B 197 -4.61 -31.52 -3.94
C LEU B 197 -3.82 -30.38 -3.31
N CYS B 198 -2.95 -29.70 -4.10
CA CYS B 198 -2.24 -28.53 -3.57
C CYS B 198 -3.27 -27.46 -3.14
N ASP B 199 -4.43 -27.41 -3.84
CA ASP B 199 -5.51 -26.45 -3.49
C ASP B 199 -6.11 -26.76 -2.10
N ILE B 200 -6.16 -28.04 -1.71
CA ILE B 200 -6.74 -28.40 -0.40
C ILE B 200 -5.85 -27.90 0.71
N TRP B 201 -4.53 -28.05 0.54
CA TRP B 201 -3.58 -27.54 1.54
C TRP B 201 -3.77 -26.01 1.68
N SER B 202 -3.78 -25.31 0.55
CA SER B 202 -3.97 -23.84 0.55
C SER B 202 -5.24 -23.41 1.26
N LEU B 203 -6.30 -24.20 1.16
CA LEU B 203 -7.53 -23.90 1.85
C LEU B 203 -7.33 -23.99 3.36
N GLY B 204 -6.60 -25.00 3.82
CA GLY B 204 -6.26 -25.14 5.24
C GLY B 204 -5.48 -23.95 5.73
N ILE B 205 -4.50 -23.46 4.95
CA ILE B 205 -3.75 -22.26 5.37
C ILE B 205 -4.69 -21.04 5.43
N THR B 206 -5.59 -20.97 4.44
CA THR B 206 -6.57 -19.89 4.36
C THR B 206 -7.50 -19.88 5.58
N ALA B 207 -7.91 -21.06 6.08
CA ALA B 207 -8.77 -21.11 7.27
C ALA B 207 -7.99 -20.55 8.46
N ILE B 208 -6.68 -20.85 8.57
CA ILE B 208 -5.84 -20.21 9.60
C ILE B 208 -5.76 -18.69 9.40
N GLU B 209 -5.52 -18.25 8.15
CA GLU B 209 -5.48 -16.85 7.80
C GLU B 209 -6.76 -16.08 8.26
N LEU B 210 -7.96 -16.64 7.99
CA LEU B 210 -9.22 -16.00 8.40
C LEU B 210 -9.42 -15.96 9.92
N ALA B 211 -8.83 -16.93 10.62
CA ALA B 211 -8.90 -17.06 12.08
C ALA B 211 -7.86 -16.21 12.81
N GLU B 212 -6.69 -15.95 12.17
CA GLU B 212 -5.55 -15.29 12.81
C GLU B 212 -5.01 -14.02 12.14
N LEU B 213 -5.62 -13.62 11.00
CA LEU B 213 -5.36 -12.39 10.24
C LEU B 213 -4.05 -12.43 9.44
N GLN B 214 -3.38 -13.57 9.47
CA GLN B 214 -2.15 -13.82 8.70
C GLN B 214 -1.89 -15.33 8.56
N PRO B 215 -1.27 -15.79 7.46
CA PRO B 215 -0.94 -17.23 7.37
C PRO B 215 0.20 -17.60 8.32
N PRO B 216 0.39 -18.91 8.68
CA PRO B 216 1.53 -19.28 9.52
C PRO B 216 2.85 -18.89 8.87
N LEU B 217 3.86 -18.54 9.68
CA LEU B 217 5.19 -18.15 9.18
C LEU B 217 5.23 -16.83 8.38
N PHE B 218 4.14 -16.02 8.40
CA PHE B 218 4.08 -14.76 7.63
C PHE B 218 5.24 -13.81 7.92
N ASP B 219 5.81 -13.90 9.12
CA ASP B 219 6.93 -13.06 9.56
C ASP B 219 8.32 -13.59 9.12
N VAL B 220 8.38 -14.83 8.60
CA VAL B 220 9.59 -15.50 8.12
C VAL B 220 9.82 -15.17 6.63
N HIS B 221 11.10 -14.97 6.22
CA HIS B 221 11.46 -14.62 4.83
C HIS B 221 10.89 -15.64 3.85
N PRO B 222 10.24 -15.19 2.75
CA PRO B 222 9.60 -16.14 1.83
C PRO B 222 10.52 -17.26 1.30
N LEU B 223 11.76 -16.92 0.90
CA LEU B 223 12.73 -17.93 0.43
C LEU B 223 12.99 -18.98 1.51
N ARG B 224 13.12 -18.56 2.80
CA ARG B 224 13.30 -19.44 3.96
C ARG B 224 12.09 -20.35 4.23
N VAL B 225 10.86 -19.81 4.00
CA VAL B 225 9.65 -20.61 4.17
C VAL B 225 9.68 -21.75 3.13
N LEU B 226 10.15 -21.48 1.89
CA LEU B 226 10.25 -22.52 0.85
C LEU B 226 11.21 -23.62 1.28
N PHE B 227 12.37 -23.24 1.85
CA PHE B 227 13.38 -24.21 2.31
C PHE B 227 12.86 -25.05 3.46
N LEU B 228 12.16 -24.43 4.43
CA LEU B 228 11.59 -25.13 5.59
C LEU B 228 10.56 -26.18 5.17
N MET B 229 9.71 -25.86 4.16
CA MET B 229 8.69 -26.77 3.64
C MET B 229 9.29 -27.97 2.88
N THR B 230 10.44 -27.76 2.21
CA THR B 230 11.11 -28.80 1.40
C THR B 230 11.92 -29.76 2.28
N LYS B 231 12.19 -29.36 3.53
CA LYS B 231 12.96 -30.14 4.49
C LYS B 231 12.17 -31.33 5.02
N SER B 232 12.84 -32.50 5.12
CA SER B 232 12.24 -33.71 5.68
C SER B 232 12.00 -33.42 7.16
N GLY B 233 10.82 -33.78 7.64
CA GLY B 233 10.45 -33.52 9.02
C GLY B 233 9.71 -32.20 9.21
N TYR B 234 9.23 -31.59 8.10
CA TYR B 234 8.46 -30.34 8.16
C TYR B 234 7.14 -30.62 8.85
N GLN B 235 6.83 -29.86 9.89
CA GLN B 235 5.59 -30.04 10.63
C GLN B 235 4.51 -29.10 10.10
N PRO B 236 3.35 -29.64 9.67
CA PRO B 236 2.26 -28.77 9.20
C PRO B 236 1.82 -27.77 10.28
N PRO B 237 1.45 -26.54 9.87
CA PRO B 237 0.99 -25.55 10.86
C PRO B 237 -0.30 -25.94 11.58
N ARG B 238 -0.58 -25.26 12.70
CA ARG B 238 -1.77 -25.44 13.53
C ARG B 238 -2.35 -24.10 13.94
N LEU B 239 -3.58 -24.11 14.47
CA LEU B 239 -4.19 -22.91 15.01
C LEU B 239 -3.46 -22.57 16.33
N LYS B 240 -3.09 -21.29 16.52
CA LYS B 240 -2.33 -20.78 17.67
C LYS B 240 -3.10 -20.94 18.98
N GLU B 241 -4.38 -20.53 19.01
CA GLU B 241 -5.21 -20.63 20.20
C GLU B 241 -5.87 -22.01 20.21
N LYS B 242 -5.78 -22.73 21.33
CA LYS B 242 -6.43 -24.04 21.41
C LYS B 242 -7.91 -23.95 21.78
N GLY B 243 -8.19 -23.40 22.96
CA GLY B 243 -9.54 -23.26 23.52
C GLY B 243 -10.57 -22.48 22.75
N LYS B 244 -10.13 -21.54 21.88
CA LYS B 244 -11.03 -20.69 21.08
C LYS B 244 -11.77 -21.44 19.96
N TRP B 245 -11.22 -22.57 19.51
CA TRP B 245 -11.79 -23.32 18.38
C TRP B 245 -12.26 -24.70 18.74
N SER B 246 -13.33 -25.17 18.07
CA SER B 246 -13.88 -26.50 18.26
C SER B 246 -12.92 -27.60 17.79
N ALA B 247 -13.10 -28.84 18.31
CA ALA B 247 -12.31 -29.99 17.89
C ALA B 247 -12.50 -30.27 16.40
N ALA B 248 -13.70 -29.97 15.85
CA ALA B 248 -14.01 -30.16 14.43
C ALA B 248 -13.14 -29.22 13.59
N PHE B 249 -12.95 -27.97 14.03
CA PHE B 249 -12.11 -26.98 13.32
C PHE B 249 -10.64 -27.39 13.38
N HIS B 250 -10.14 -27.81 14.56
CA HIS B 250 -8.76 -28.30 14.70
C HIS B 250 -8.51 -29.51 13.77
N ASN B 251 -9.50 -30.41 13.65
CA ASN B 251 -9.40 -31.58 12.77
C ASN B 251 -9.46 -31.19 11.27
N PHE B 252 -10.25 -30.16 10.93
CA PHE B 252 -10.34 -29.69 9.54
C PHE B 252 -8.96 -29.23 9.10
N ILE B 253 -8.28 -28.44 9.94
CA ILE B 253 -6.92 -27.94 9.70
C ILE B 253 -5.98 -29.15 9.54
N LYS B 254 -6.06 -30.14 10.48
CA LYS B 254 -5.23 -31.34 10.47
C LYS B 254 -5.28 -32.12 9.14
N VAL B 255 -6.50 -32.39 8.65
CA VAL B 255 -6.69 -33.20 7.45
C VAL B 255 -6.39 -32.38 6.16
N THR B 256 -6.80 -31.10 6.10
CA THR B 256 -6.46 -30.31 4.89
C THR B 256 -4.94 -30.12 4.81
N LEU B 257 -4.28 -29.97 5.97
CA LEU B 257 -2.83 -29.78 6.02
C LEU B 257 -2.09 -31.10 6.16
N THR B 258 -2.51 -32.14 5.40
CA THR B 258 -1.82 -33.44 5.35
C THR B 258 -0.58 -33.23 4.46
N LYS B 259 0.62 -33.46 5.03
CA LYS B 259 1.92 -33.29 4.36
C LYS B 259 1.99 -34.04 3.03
N SER B 260 1.76 -35.36 3.05
CA SER B 260 1.81 -36.19 1.85
C SER B 260 0.61 -35.90 0.94
N PRO B 261 0.79 -35.54 -0.34
CA PRO B 261 -0.38 -35.33 -1.22
C PRO B 261 -1.10 -36.64 -1.54
N LYS B 262 -0.41 -37.79 -1.37
CA LYS B 262 -1.03 -39.10 -1.60
C LYS B 262 -2.10 -39.41 -0.55
N LYS B 263 -2.01 -38.78 0.65
CA LYS B 263 -2.98 -38.99 1.73
C LYS B 263 -3.93 -37.80 1.97
N ARG B 264 -3.65 -36.64 1.34
CA ARG B 264 -4.49 -35.47 1.49
C ARG B 264 -5.89 -35.69 0.88
N PRO B 265 -6.99 -35.42 1.63
CA PRO B 265 -8.34 -35.67 1.05
C PRO B 265 -8.70 -34.71 -0.07
N SER B 266 -9.50 -35.19 -1.01
CA SER B 266 -9.98 -34.41 -2.13
C SER B 266 -11.04 -33.38 -1.66
N ALA B 267 -11.39 -32.41 -2.53
CA ALA B 267 -12.43 -31.42 -2.21
C ALA B 267 -13.77 -32.09 -1.89
N THR B 268 -14.18 -33.03 -2.75
CA THR B 268 -15.43 -33.77 -2.56
C THR B 268 -15.45 -34.51 -1.23
N LYS B 269 -14.32 -35.17 -0.84
CA LYS B 269 -14.21 -35.86 0.44
C LYS B 269 -14.27 -34.86 1.59
N MET B 270 -13.63 -33.68 1.41
CA MET B 270 -13.70 -32.65 2.41
C MET B 270 -15.09 -32.09 2.63
N LEU B 271 -15.95 -32.12 1.61
CA LEU B 271 -17.28 -31.58 1.75
C LEU B 271 -18.16 -32.42 2.69
N SER B 272 -17.68 -33.64 3.04
CA SER B 272 -18.43 -34.45 4.00
C SER B 272 -17.84 -34.33 5.41
N HIS B 273 -16.84 -33.44 5.61
CA HIS B 273 -16.27 -33.20 6.94
C HIS B 273 -17.32 -32.45 7.73
N GLN B 274 -17.46 -32.80 9.03
CA GLN B 274 -18.50 -32.21 9.89
C GLN B 274 -18.42 -30.69 10.04
N LEU B 275 -17.22 -30.08 9.88
CA LEU B 275 -17.10 -28.62 9.97
C LEU B 275 -17.94 -27.94 8.90
N VAL B 276 -17.89 -28.46 7.68
CA VAL B 276 -18.56 -27.82 6.54
C VAL B 276 -19.88 -28.45 6.16
N SER B 277 -20.30 -29.53 6.84
CA SER B 277 -21.58 -30.15 6.49
C SER B 277 -22.65 -29.83 7.55
N GLN B 278 -22.29 -29.01 8.55
CA GLN B 278 -23.20 -28.63 9.63
C GLN B 278 -24.30 -27.68 9.15
N PRO B 279 -25.52 -27.70 9.75
CA PRO B 279 -26.55 -26.75 9.32
C PRO B 279 -26.21 -25.37 9.91
N GLY B 280 -26.96 -24.37 9.52
CA GLY B 280 -26.73 -23.02 10.02
C GLY B 280 -25.63 -22.34 9.22
N LEU B 281 -25.09 -23.05 8.22
CA LEU B 281 -24.05 -22.46 7.36
C LEU B 281 -24.67 -21.85 6.14
N ASN B 282 -24.80 -20.51 6.16
CA ASN B 282 -25.40 -19.78 5.03
C ASN B 282 -24.86 -18.36 4.98
N ARG B 283 -25.18 -17.66 3.90
CA ARG B 283 -24.70 -16.30 3.66
C ARG B 283 -25.06 -15.28 4.75
N GLY B 284 -26.07 -15.60 5.59
CA GLY B 284 -26.44 -14.67 6.65
C GLY B 284 -25.29 -14.44 7.60
N LEU B 285 -24.42 -15.45 7.75
CA LEU B 285 -23.24 -15.37 8.63
C LEU B 285 -22.24 -14.33 8.09
N ILE B 286 -22.17 -14.21 6.77
CA ILE B 286 -21.27 -13.22 6.16
C ILE B 286 -21.95 -11.86 6.12
N LEU B 287 -23.31 -11.81 5.94
CA LEU B 287 -24.04 -10.55 6.05
C LEU B 287 -23.82 -9.93 7.45
N ASP B 288 -23.67 -10.76 8.50
CA ASP B 288 -23.34 -10.27 9.86
C ASP B 288 -21.94 -9.67 9.88
N LEU B 289 -20.98 -10.31 9.16
CA LEU B 289 -19.59 -9.84 9.06
C LEU B 289 -19.59 -8.50 8.32
N LEU B 290 -20.41 -8.34 7.25
CA LEU B 290 -20.48 -7.07 6.51
C LEU B 290 -21.11 -5.92 7.32
N ASP B 291 -22.01 -6.26 8.26
CA ASP B 291 -22.64 -5.30 9.17
C ASP B 291 -21.57 -4.83 10.18
N LYS B 292 -20.67 -5.74 10.60
CA LYS B 292 -19.55 -5.43 11.51
C LYS B 292 -18.56 -4.46 10.85
N LEU B 293 -18.38 -4.60 9.52
CA LEU B 293 -17.50 -3.76 8.69
C LEU B 293 -18.04 -2.31 8.70
N LYS B 294 -19.36 -2.16 8.47
CA LYS B 294 -20.06 -0.88 8.45
C LYS B 294 -20.12 -0.25 9.86
N ASN B 295 -20.53 -1.05 10.87
CA ASN B 295 -20.68 -0.65 12.27
C ASN B 295 -20.66 -1.90 13.16
#